data_4WXO
#
_entry.id   4WXO
#
_cell.length_a   79.419
_cell.length_b   116.449
_cell.length_c   88.216
_cell.angle_alpha   90.00
_cell.angle_beta   110.19
_cell.angle_gamma   90.00
#
_symmetry.space_group_name_H-M   'C 1 2 1'
#
loop_
_entity.id
_entity.type
_entity.pdbx_description
1 polymer 'Uncharacterized protein'
2 water water
#
_entity_poly.entity_id   1
_entity_poly.type   'polypeptide(L)'
_entity_poly.pdbx_seq_one_letter_code
;(MSE)GSSHHHHHHSQDLEVLFQGPGSQRRYALQAHQDTLRG(MSE)(MSE)RQLEDLVATDELTGLFNRRHF(MSE)R
(MSE)ASRALEDLLPNRQHGLALIDLDHFKRINDRHGHAAGDRVLQTFAAVARSCLRDGDVLARYGGEEFVLLLPHADAE
QLESCCERLRLAFQQAEPVGVTVDTLSLSVG(MSE)TLLYADDDLDEALQRADQALYRAKRGGRNRCDATWEVTSA
;
_entity_poly.pdbx_strand_id   A,B,C
#
# COMPACT_ATOMS: atom_id res chain seq x y z
N ARG A 26 -3.37 -15.29 -44.22
CA ARG A 26 -4.67 -15.40 -43.55
C ARG A 26 -4.89 -14.39 -42.43
N TYR A 27 -6.03 -13.71 -42.46
CA TYR A 27 -6.18 -12.50 -41.69
C TYR A 27 -6.80 -12.64 -40.30
N ALA A 28 -7.64 -13.63 -40.07
CA ALA A 28 -8.27 -13.70 -38.76
C ALA A 28 -7.20 -14.09 -37.72
N LEU A 29 -6.32 -14.98 -38.15
CA LEU A 29 -5.20 -15.41 -37.34
C LEU A 29 -4.30 -14.24 -36.96
N GLN A 30 -3.96 -13.40 -37.94
CA GLN A 30 -3.06 -12.33 -37.63
C GLN A 30 -3.76 -11.36 -36.68
N ALA A 31 -5.05 -11.15 -36.89
CA ALA A 31 -5.81 -10.28 -36.02
C ALA A 31 -5.82 -10.81 -34.57
N HIS A 32 -6.19 -12.08 -34.44
CA HIS A 32 -6.25 -12.77 -33.16
C HIS A 32 -4.93 -12.76 -32.34
N GLN A 33 -3.84 -13.14 -33.01
CA GLN A 33 -2.56 -13.14 -32.40
C GLN A 33 -2.11 -11.71 -32.09
N ASP A 34 -2.60 -10.73 -32.86
CA ASP A 34 -2.28 -9.31 -32.58
C ASP A 34 -2.90 -8.88 -31.27
N THR A 35 -4.16 -9.25 -31.06
CA THR A 35 -4.80 -9.06 -29.77
C THR A 35 -3.99 -9.70 -28.65
N LEU A 36 -3.57 -10.95 -28.88
CA LEU A 36 -2.72 -11.66 -27.96
C LEU A 36 -1.54 -10.78 -27.54
N ARG A 37 -0.89 -10.16 -28.52
CA ARG A 37 0.31 -9.40 -28.25
C ARG A 37 -0.07 -8.10 -27.56
N GLY A 38 -1.27 -7.59 -27.84
CA GLY A 38 -1.78 -6.41 -27.15
C GLY A 38 -1.96 -6.72 -25.66
N ARG A 41 1.25 -6.64 -23.81
CA ARG A 41 1.76 -5.30 -23.59
C ARG A 41 1.02 -4.68 -22.40
N GLN A 42 -0.28 -4.94 -22.29
CA GLN A 42 -1.02 -4.53 -21.09
C GLN A 42 -0.36 -5.06 -19.82
N LEU A 43 -0.10 -6.36 -19.80
CA LEU A 43 0.60 -7.00 -18.70
C LEU A 43 1.92 -6.31 -18.42
N GLU A 44 2.61 -5.95 -19.49
CA GLU A 44 3.85 -5.18 -19.38
C GLU A 44 3.64 -3.91 -18.50
N ASP A 45 2.59 -3.15 -18.81
CA ASP A 45 2.26 -1.92 -18.13
C ASP A 45 1.82 -2.15 -16.68
N LEU A 46 1.79 -3.40 -16.27
CA LEU A 46 1.49 -3.71 -14.89
C LEU A 46 2.80 -3.94 -14.16
N VAL A 47 3.81 -4.42 -14.90
CA VAL A 47 5.18 -4.48 -14.42
C VAL A 47 5.69 -3.05 -14.34
N ALA A 48 5.20 -2.33 -13.34
CA ALA A 48 5.39 -0.90 -13.25
C ALA A 48 6.58 -0.47 -12.40
N THR A 49 7.31 -1.39 -11.77
CA THR A 49 8.44 -0.93 -10.95
C THR A 49 9.77 -1.57 -11.31
N ASP A 50 10.86 -0.84 -11.01
CA ASP A 50 12.21 -1.28 -11.31
C ASP A 50 12.77 -1.99 -10.11
N GLU A 51 13.09 -3.26 -10.28
CA GLU A 51 13.26 -4.16 -9.15
C GLU A 51 14.49 -3.85 -8.35
N LEU A 52 15.54 -3.47 -9.04
CA LEU A 52 16.77 -3.12 -8.34
C LEU A 52 16.57 -1.99 -7.31
N THR A 53 15.94 -0.88 -7.71
CA THR A 53 15.75 0.26 -6.82
C THR A 53 14.48 0.20 -5.98
N GLY A 54 13.47 -0.48 -6.48
CA GLY A 54 12.19 -0.43 -5.82
C GLY A 54 11.42 0.82 -6.20
N LEU A 55 11.91 1.53 -7.22
CA LEU A 55 11.19 2.67 -7.74
C LEU A 55 10.40 2.32 -9.02
N PHE A 56 9.38 3.11 -9.32
CA PHE A 56 8.67 3.06 -10.60
C PHE A 56 9.66 3.19 -11.75
N ASN A 57 9.45 2.44 -12.83
CA ASN A 57 10.30 2.54 -14.03
C ASN A 57 9.93 3.72 -14.96
N ARG A 58 10.80 3.99 -15.94
CA ARG A 58 10.60 5.08 -16.88
C ARG A 58 9.22 5.08 -17.57
N ARG A 59 8.83 3.92 -18.08
CA ARG A 59 7.58 3.77 -18.80
C ARG A 59 6.39 4.13 -17.90
N HIS A 60 6.42 3.65 -16.68
CA HIS A 60 5.31 3.94 -15.79
C HIS A 60 5.31 5.43 -15.44
N PHE A 61 6.49 6.04 -15.28
CA PHE A 61 6.56 7.48 -15.02
C PHE A 61 5.96 8.26 -16.17
N ARG A 63 3.68 7.30 -18.29
CA ARG A 63 2.23 7.24 -18.15
C ARG A 63 1.68 8.05 -16.97
N ALA A 65 3.05 10.91 -15.49
CA ALA A 65 3.23 12.32 -15.78
C ALA A 65 2.21 12.88 -16.78
N SER A 66 1.90 12.08 -17.80
CA SER A 66 0.88 12.45 -18.78
C SER A 66 -0.45 12.80 -18.14
N ARG A 67 -0.84 12.03 -17.12
CA ARG A 67 -2.13 12.27 -16.49
C ARG A 67 -2.00 13.38 -15.43
N ALA A 68 -0.78 13.71 -15.02
CA ALA A 68 -0.59 14.82 -14.09
C ALA A 68 -0.56 16.14 -14.87
N LEU A 69 -0.10 16.06 -16.11
CA LEU A 69 -0.13 17.20 -17.00
C LEU A 69 -1.56 17.57 -17.34
N GLU A 70 -2.36 16.58 -17.70
CA GLU A 70 -3.75 16.86 -18.06
C GLU A 70 -4.54 17.37 -16.86
N ASP A 71 -4.33 16.78 -15.69
CA ASP A 71 -5.11 17.14 -14.50
C ASP A 71 -4.75 18.50 -13.93
N LEU A 72 -3.84 19.20 -14.61
CA LEU A 72 -3.39 20.52 -14.22
C LEU A 72 -4.43 21.60 -14.50
N LEU A 73 -4.86 22.28 -13.43
CA LEU A 73 -5.74 23.44 -13.58
C LEU A 73 -4.98 24.53 -14.36
N PRO A 74 -5.73 25.43 -15.03
CA PRO A 74 -5.10 26.53 -15.78
C PRO A 74 -4.29 27.46 -14.88
N ASN A 75 -3.14 27.90 -15.36
CA ASN A 75 -2.24 28.74 -14.58
C ASN A 75 -1.73 28.06 -13.29
N ARG A 76 -1.58 26.74 -13.31
CA ARG A 76 -0.96 26.03 -12.19
C ARG A 76 0.21 25.20 -12.68
N GLN A 77 0.99 24.64 -11.77
CA GLN A 77 2.24 24.02 -12.19
C GLN A 77 2.63 22.77 -11.39
N HIS A 78 3.52 21.98 -11.97
CA HIS A 78 4.21 20.92 -11.24
C HIS A 78 5.69 21.15 -11.33
N GLY A 79 6.42 20.71 -10.32
CA GLY A 79 7.86 20.68 -10.35
C GLY A 79 8.31 19.43 -11.06
N LEU A 80 9.51 19.48 -11.64
CA LEU A 80 9.99 18.36 -12.43
C LEU A 80 11.49 18.46 -12.60
N ALA A 81 12.22 17.58 -11.93
CA ALA A 81 13.68 17.59 -12.01
C ALA A 81 14.21 16.30 -12.59
N LEU A 82 15.39 16.39 -13.18
CA LEU A 82 16.09 15.19 -13.63
C LEU A 82 17.32 15.02 -12.82
N ILE A 83 17.41 13.91 -12.09
CA ILE A 83 18.56 13.63 -11.26
C ILE A 83 19.56 12.68 -11.92
N ASP A 84 20.84 13.06 -11.97
CA ASP A 84 21.89 12.18 -12.51
C ASP A 84 23.03 12.00 -11.51
N LEU A 85 23.44 10.76 -11.26
CA LEU A 85 24.54 10.52 -10.33
C LEU A 85 25.89 10.77 -11.01
N ASP A 86 26.84 11.33 -10.25
CA ASP A 86 28.09 11.84 -10.81
C ASP A 86 29.17 10.77 -10.90
N HIS A 87 29.88 10.72 -12.04
CA HIS A 87 30.95 9.73 -12.22
C HIS A 87 30.55 8.30 -11.88
N PHE A 88 29.27 8.01 -12.03
CA PHE A 88 28.75 6.69 -11.72
C PHE A 88 29.49 5.58 -12.49
N LYS A 89 29.72 5.79 -13.79
CA LYS A 89 30.39 4.78 -14.61
C LYS A 89 31.74 4.44 -14.03
N ARG A 90 32.43 5.43 -13.51
CA ARG A 90 33.71 5.20 -12.84
C ARG A 90 33.59 4.21 -11.69
N ILE A 91 32.55 4.35 -10.88
CA ILE A 91 32.32 3.47 -9.75
C ILE A 91 32.23 2.01 -10.19
N ASN A 92 31.50 1.78 -11.28
CA ASN A 92 31.39 0.45 -11.88
C ASN A 92 32.72 -0.10 -12.34
N ASP A 93 33.61 0.78 -12.75
CA ASP A 93 34.90 0.36 -13.24
C ASP A 93 35.85 0.04 -12.11
N ARG A 94 35.90 0.90 -11.11
CA ARG A 94 36.79 0.68 -9.97
C ARG A 94 36.27 -0.40 -9.03
N HIS A 95 34.97 -0.36 -8.76
CA HIS A 95 34.42 -1.21 -7.72
C HIS A 95 33.60 -2.39 -8.22
N GLY A 96 33.39 -2.47 -9.53
CA GLY A 96 32.61 -3.56 -10.10
C GLY A 96 31.12 -3.29 -10.11
N HIS A 97 30.44 -3.84 -11.12
CA HIS A 97 29.01 -3.62 -11.35
C HIS A 97 28.10 -3.85 -10.13
N ALA A 98 28.56 -4.64 -9.16
CA ALA A 98 27.74 -4.89 -7.98
C ALA A 98 27.67 -3.66 -7.05
N ALA A 99 28.81 -2.99 -6.88
CA ALA A 99 28.87 -1.74 -6.15
C ALA A 99 28.03 -0.61 -6.81
N GLY A 100 28.15 -0.48 -8.13
CA GLY A 100 27.28 0.39 -8.90
C GLY A 100 25.82 0.21 -8.48
N ASP A 101 25.40 -1.05 -8.41
CA ASP A 101 24.03 -1.35 -8.02
C ASP A 101 23.75 -0.87 -6.61
N ARG A 102 24.65 -1.14 -5.68
CA ARG A 102 24.48 -0.68 -4.30
C ARG A 102 24.30 0.84 -4.19
N VAL A 103 25.18 1.59 -4.85
CA VAL A 103 25.05 3.03 -4.93
C VAL A 103 23.64 3.48 -5.35
N LEU A 104 23.08 2.87 -6.40
CA LEU A 104 21.70 3.15 -6.77
C LEU A 104 20.66 2.74 -5.69
N GLN A 105 20.94 1.69 -4.92
CA GLN A 105 19.94 1.33 -3.89
C GLN A 105 20.15 2.27 -2.75
N THR A 106 21.35 2.83 -2.69
CA THR A 106 21.69 3.82 -1.69
C THR A 106 20.91 5.10 -1.96
N PHE A 107 21.01 5.57 -3.19
CA PHE A 107 20.28 6.75 -3.58
C PHE A 107 18.77 6.56 -3.41
N ALA A 108 18.29 5.37 -3.73
CA ALA A 108 16.86 5.15 -3.67
C ALA A 108 16.42 5.24 -2.22
N ALA A 109 17.23 4.68 -1.33
CA ALA A 109 16.91 4.66 0.10
C ALA A 109 16.91 6.08 0.62
N VAL A 110 17.99 6.80 0.31
CA VAL A 110 18.16 8.18 0.74
C VAL A 110 16.98 9.04 0.30
N ALA A 111 16.63 8.95 -0.97
CA ALA A 111 15.63 9.85 -1.54
C ALA A 111 14.30 9.70 -0.83
N ARG A 112 13.92 8.45 -0.57
CA ARG A 112 12.66 8.19 0.13
C ARG A 112 12.59 8.82 1.53
N SER A 113 13.74 9.06 2.16
CA SER A 113 13.81 9.77 3.45
C SER A 113 13.54 11.26 3.32
N CYS A 114 13.94 11.83 2.19
CA CYS A 114 13.76 13.25 1.90
C CYS A 114 12.36 13.63 1.45
N LEU A 115 11.75 12.78 0.63
CA LEU A 115 10.53 13.20 -0.06
C LEU A 115 9.30 13.10 0.81
N ARG A 116 8.35 14.00 0.56
CA ARG A 116 7.05 13.96 1.21
C ARG A 116 6.23 12.84 0.60
N ASP A 117 5.32 12.29 1.39
CA ASP A 117 4.40 11.28 0.92
C ASP A 117 3.58 11.81 -0.24
N GLY A 118 3.63 11.15 -1.38
CA GLY A 118 2.87 11.61 -2.54
C GLY A 118 3.71 12.26 -3.62
N ASP A 119 5.01 12.37 -3.39
CA ASP A 119 5.90 12.75 -4.46
C ASP A 119 6.03 11.58 -5.43
N VAL A 120 6.35 11.87 -6.69
CA VAL A 120 6.71 10.83 -7.65
C VAL A 120 8.19 10.83 -8.02
N LEU A 121 8.84 9.71 -7.72
CA LEU A 121 10.25 9.52 -8.03
C LEU A 121 10.43 8.26 -8.83
N ALA A 122 11.24 8.27 -9.86
CA ALA A 122 11.32 7.09 -10.72
C ALA A 122 12.67 6.92 -11.37
N ARG A 123 13.00 5.69 -11.75
CA ARG A 123 14.26 5.44 -12.41
C ARG A 123 14.03 5.80 -13.87
N TYR A 124 15.03 6.39 -14.51
CA TYR A 124 14.80 7.06 -15.78
C TYR A 124 15.81 6.62 -16.79
N GLY A 125 16.92 6.10 -16.30
CA GLY A 125 17.98 5.64 -17.17
C GLY A 125 18.86 4.71 -16.38
N GLY A 126 19.96 4.28 -16.98
CA GLY A 126 20.95 3.51 -16.26
C GLY A 126 21.29 4.14 -14.91
N GLU A 127 21.63 5.43 -14.91
CA GLU A 127 21.98 6.12 -13.66
C GLU A 127 21.15 7.39 -13.42
N GLU A 128 20.10 7.58 -14.22
CA GLU A 128 19.28 8.78 -14.13
C GLU A 128 18.00 8.51 -13.38
N PHE A 129 17.55 9.50 -12.61
CA PHE A 129 16.27 9.37 -11.94
C PHE A 129 15.46 10.58 -12.34
N VAL A 130 14.19 10.62 -11.99
CA VAL A 130 13.35 11.75 -12.39
C VAL A 130 12.36 11.95 -11.27
N LEU A 131 12.07 13.21 -10.98
CA LEU A 131 11.22 13.55 -9.84
C LEU A 131 10.08 14.42 -10.31
N LEU A 132 8.94 14.28 -9.64
CA LEU A 132 7.81 15.15 -9.92
C LEU A 132 7.14 15.49 -8.62
N LEU A 133 7.04 16.79 -8.34
CA LEU A 133 6.44 17.28 -7.12
C LEU A 133 5.15 18.02 -7.43
N PRO A 134 4.01 17.39 -7.13
CA PRO A 134 2.69 18.00 -7.32
C PRO A 134 2.54 19.37 -6.68
N HIS A 135 2.14 20.38 -7.46
CA HIS A 135 1.80 21.71 -6.96
C HIS A 135 2.96 22.40 -6.22
N ALA A 136 4.18 22.22 -6.73
CA ALA A 136 5.36 22.70 -6.02
C ALA A 136 5.96 23.89 -6.74
N ASP A 137 6.04 25.00 -6.02
CA ASP A 137 6.72 26.22 -6.47
C ASP A 137 8.13 25.93 -6.94
N ALA A 138 8.64 26.79 -7.83
CA ALA A 138 10.03 26.73 -8.24
C ALA A 138 10.93 26.81 -7.03
N GLU A 139 10.53 27.62 -6.04
CA GLU A 139 11.22 27.65 -4.75
C GLU A 139 11.14 26.28 -4.06
N GLN A 140 9.91 25.77 -3.93
CA GLN A 140 9.71 24.46 -3.32
C GLN A 140 10.59 23.38 -3.95
N LEU A 141 10.59 23.35 -5.28
CA LEU A 141 11.40 22.38 -5.99
C LEU A 141 12.89 22.54 -5.65
N GLU A 142 13.42 23.75 -5.83
CA GLU A 142 14.84 24.01 -5.54
C GLU A 142 15.21 23.60 -4.10
N SER A 143 14.26 23.74 -3.19
CA SER A 143 14.48 23.39 -1.79
CA SER A 143 14.52 23.40 -1.79
C SER A 143 14.57 21.88 -1.63
N CYS A 144 13.67 21.18 -2.32
CA CYS A 144 13.63 19.74 -2.29
C CYS A 144 14.89 19.17 -2.89
N CYS A 145 15.27 19.64 -4.06
CA CYS A 145 16.46 19.10 -4.70
C CYS A 145 17.77 19.30 -3.93
N GLU A 146 17.99 20.48 -3.33
CA GLU A 146 19.21 20.66 -2.54
C GLU A 146 19.25 19.67 -1.37
N ARG A 147 18.12 19.50 -0.68
CA ARG A 147 18.04 18.65 0.49
C ARG A 147 18.37 17.23 0.06
N LEU A 148 17.80 16.82 -1.07
CA LEU A 148 18.15 15.55 -1.70
C LEU A 148 19.63 15.50 -2.07
N ARG A 149 20.13 16.56 -2.69
CA ARG A 149 21.50 16.58 -3.15
C ARG A 149 22.48 16.40 -2.00
N LEU A 150 22.30 17.18 -0.93
CA LEU A 150 23.17 17.10 0.25
C LEU A 150 23.00 15.77 0.96
N ALA A 151 21.78 15.25 0.97
CA ALA A 151 21.56 13.95 1.63
C ALA A 151 22.36 12.86 0.93
N PHE A 152 22.44 12.92 -0.39
CA PHE A 152 23.17 11.87 -1.10
C PHE A 152 24.65 11.88 -0.78
N GLN A 153 25.23 13.09 -0.79
CA GLN A 153 26.63 13.39 -0.50
C GLN A 153 27.12 12.82 0.84
N GLN A 154 26.20 12.82 1.81
CA GLN A 154 26.43 12.41 3.19
C GLN A 154 26.40 10.88 3.35
N ALA A 155 25.68 10.22 2.45
CA ALA A 155 25.40 8.80 2.62
C ALA A 155 26.60 7.88 2.42
N GLU A 156 26.55 6.73 3.07
CA GLU A 156 27.50 5.65 2.85
C GLU A 156 26.74 4.38 2.59
N PRO A 157 27.00 3.73 1.47
CA PRO A 157 26.43 2.41 1.16
C PRO A 157 27.13 1.30 1.95
N VAL A 158 26.36 0.34 2.44
CA VAL A 158 26.96 -0.76 3.18
C VAL A 158 27.86 -1.60 2.27
N GLY A 159 28.95 -2.10 2.84
CA GLY A 159 29.81 -3.05 2.16
C GLY A 159 30.50 -2.52 0.91
N VAL A 160 30.54 -1.20 0.74
CA VAL A 160 31.26 -0.59 -0.38
C VAL A 160 31.91 0.72 0.01
N THR A 161 33.22 0.78 -0.12
CA THR A 161 33.95 1.98 0.25
C THR A 161 33.99 2.91 -0.95
N VAL A 162 33.43 4.10 -0.78
CA VAL A 162 33.27 5.04 -1.89
C VAL A 162 34.17 6.24 -1.75
N ASP A 163 34.82 6.61 -2.84
CA ASP A 163 35.69 7.78 -2.88
C ASP A 163 34.90 8.95 -2.33
N THR A 164 33.74 9.18 -2.96
CA THR A 164 32.64 9.97 -2.41
C THR A 164 31.43 9.87 -3.33
N LEU A 165 30.31 10.40 -2.85
CA LEU A 165 29.06 10.31 -3.58
C LEU A 165 28.50 11.67 -3.86
N SER A 166 28.22 11.92 -5.12
CA SER A 166 27.44 13.11 -5.42
C SER A 166 26.51 12.81 -6.59
N LEU A 167 25.55 13.72 -6.76
CA LEU A 167 24.63 13.69 -7.86
C LEU A 167 24.43 15.11 -8.41
N SER A 168 24.01 15.23 -9.66
CA SER A 168 23.63 16.55 -10.17
C SER A 168 22.14 16.56 -10.46
N VAL A 169 21.51 17.74 -10.46
CA VAL A 169 20.12 17.77 -10.93
C VAL A 169 19.82 18.93 -11.87
N GLY A 170 18.94 18.68 -12.85
CA GLY A 170 18.40 19.72 -13.72
C GLY A 170 16.93 19.89 -13.47
N THR A 172 13.01 22.20 -13.61
CA THR A 172 12.09 22.99 -14.40
C THR A 172 10.69 22.90 -13.85
N LEU A 173 9.74 23.57 -14.48
CA LEU A 173 8.35 23.46 -14.07
C LEU A 173 7.43 22.88 -15.11
N LEU A 174 6.57 21.94 -14.74
CA LEU A 174 5.55 21.50 -15.68
C LEU A 174 4.38 22.46 -15.61
N TYR A 175 4.11 23.16 -16.70
CA TYR A 175 2.95 24.03 -16.74
C TYR A 175 1.78 23.34 -17.42
N ALA A 176 0.57 23.83 -17.12
CA ALA A 176 -0.58 23.44 -17.91
C ALA A 176 -0.31 23.81 -19.37
N ASP A 177 -0.78 22.98 -20.29
CA ASP A 177 -0.58 23.14 -21.75
C ASP A 177 0.90 23.03 -22.19
N ASP A 178 1.73 22.53 -21.30
CA ASP A 178 3.09 22.12 -21.65
C ASP A 178 3.07 20.94 -22.62
N ASP A 179 4.21 20.71 -23.27
CA ASP A 179 4.47 19.38 -23.81
C ASP A 179 5.40 18.64 -22.83
N LEU A 180 5.06 17.41 -22.52
CA LEU A 180 5.87 16.66 -21.56
C LEU A 180 7.27 16.35 -22.10
N ASP A 181 7.37 15.98 -23.37
CA ASP A 181 8.67 15.77 -24.00
C ASP A 181 9.50 17.04 -23.93
N GLU A 182 8.86 18.18 -24.17
CA GLU A 182 9.53 19.48 -24.13
C GLU A 182 9.97 19.87 -22.72
N ALA A 183 9.02 19.89 -21.78
CA ALA A 183 9.34 20.03 -20.36
C ALA A 183 10.58 19.23 -20.00
N LEU A 184 10.57 17.95 -20.39
CA LEU A 184 11.70 17.07 -20.11
C LEU A 184 12.97 17.55 -20.78
N GLN A 185 12.84 18.05 -22.01
CA GLN A 185 14.00 18.53 -22.74
C GLN A 185 14.64 19.69 -21.95
N ARG A 186 13.81 20.50 -21.31
CA ARG A 186 14.28 21.65 -20.55
C ARG A 186 15.05 21.31 -19.26
N ALA A 187 14.62 20.28 -18.55
CA ALA A 187 15.37 19.83 -17.38
C ALA A 187 16.70 19.21 -17.81
N ASP A 188 16.72 18.53 -18.96
CA ASP A 188 17.96 17.93 -19.44
C ASP A 188 18.97 19.01 -19.84
N GLN A 189 18.46 20.18 -20.24
CA GLN A 189 19.30 21.34 -20.54
C GLN A 189 19.92 21.86 -19.24
N ALA A 190 19.10 21.95 -18.19
CA ALA A 190 19.59 22.39 -16.89
C ALA A 190 20.54 21.36 -16.30
N LEU A 191 20.19 20.07 -16.36
CA LEU A 191 21.11 19.03 -15.96
C LEU A 191 22.43 19.10 -16.73
N TYR A 192 22.39 19.46 -18.00
CA TYR A 192 23.62 19.55 -18.77
C TYR A 192 24.54 20.65 -18.22
N ARG A 193 23.94 21.75 -17.76
CA ARG A 193 24.72 22.90 -17.32
C ARG A 193 25.28 22.59 -15.93
N ALA A 194 24.46 21.95 -15.09
CA ALA A 194 24.90 21.58 -13.75
C ALA A 194 26.07 20.62 -13.81
N LYS A 195 26.05 19.68 -14.74
CA LYS A 195 27.22 18.83 -14.98
C LYS A 195 28.36 19.74 -15.38
N ARG A 196 28.11 20.64 -16.32
CA ARG A 196 29.17 21.53 -16.83
C ARG A 196 29.76 22.44 -15.75
N GLY A 197 28.90 22.93 -14.86
CA GLY A 197 29.30 23.78 -13.75
C GLY A 197 30.27 23.16 -12.76
N GLY A 198 30.50 21.86 -12.90
CA GLY A 198 31.42 21.17 -12.01
C GLY A 198 30.78 20.16 -11.07
N ARG A 199 29.52 19.83 -11.35
CA ARG A 199 28.84 18.73 -10.72
C ARG A 199 28.45 19.01 -9.26
N ASN A 200 27.71 18.10 -8.64
CA ASN A 200 27.22 18.28 -7.27
C ASN A 200 26.49 19.62 -7.09
N ARG A 201 25.62 19.94 -8.01
CA ARG A 201 24.94 21.22 -7.92
C ARG A 201 23.60 21.07 -8.57
N CYS A 202 22.85 22.15 -8.66
CA CYS A 202 21.55 22.10 -9.26
C CYS A 202 21.30 23.31 -10.16
N ASP A 203 21.01 23.08 -11.43
CA ASP A 203 20.69 24.18 -12.31
C ASP A 203 19.21 24.13 -12.65
N ALA A 204 18.68 25.21 -13.20
CA ALA A 204 17.25 25.28 -13.57
C ALA A 204 17.02 25.92 -14.94
N THR A 205 15.81 25.73 -15.45
CA THR A 205 15.38 26.40 -16.69
C THR A 205 13.92 26.88 -16.62
N TRP A 206 13.73 28.18 -16.81
CA TRP A 206 12.50 28.89 -16.49
C TRP A 206 12.18 28.73 -15.01
N GLU A 207 13.21 28.90 -14.17
CA GLU A 207 13.18 29.00 -12.68
C GLU A 207 13.84 27.81 -12.00
N ARG B 26 -7.05 -32.03 -31.67
CA ARG B 26 -5.71 -32.58 -31.93
C ARG B 26 -4.84 -32.74 -30.67
N TYR B 27 -3.57 -33.09 -30.90
CA TYR B 27 -2.56 -32.93 -29.87
C TYR B 27 -2.38 -31.43 -29.62
N ALA B 28 -2.69 -30.63 -30.65
CA ALA B 28 -2.70 -29.18 -30.54
C ALA B 28 -3.64 -28.77 -29.43
N LEU B 29 -4.75 -29.49 -29.36
CA LEU B 29 -5.78 -29.22 -28.38
C LEU B 29 -5.31 -29.50 -26.99
N GLN B 30 -4.63 -30.62 -26.87
CA GLN B 30 -3.93 -30.96 -25.65
C GLN B 30 -3.05 -29.78 -25.20
N ALA B 31 -2.25 -29.24 -26.12
CA ALA B 31 -1.29 -28.22 -25.78
C ALA B 31 -2.00 -26.95 -25.29
N HIS B 32 -3.04 -26.55 -26.02
CA HIS B 32 -3.75 -25.32 -25.73
C HIS B 32 -4.45 -25.33 -24.39
N GLN B 33 -4.96 -26.48 -23.96
CA GLN B 33 -5.58 -26.52 -22.64
C GLN B 33 -4.54 -26.62 -21.56
N ASP B 34 -3.34 -27.08 -21.87
CA ASP B 34 -2.32 -27.10 -20.83
C ASP B 34 -1.84 -25.68 -20.47
N THR B 35 -1.80 -24.86 -21.49
CA THR B 35 -1.55 -23.44 -21.38
C THR B 35 -2.57 -22.75 -20.51
N LEU B 36 -3.84 -23.06 -20.69
CA LEU B 36 -4.87 -22.44 -19.87
C LEU B 36 -4.68 -22.88 -18.45
N ARG B 37 -4.32 -24.14 -18.30
CA ARG B 37 -4.03 -24.66 -17.00
C ARG B 37 -2.84 -23.95 -16.42
N GLY B 38 -1.85 -23.69 -17.27
CA GLY B 38 -0.71 -22.86 -16.87
C GLY B 38 -1.17 -21.54 -16.27
N ARG B 41 -2.83 -21.58 -12.60
CA ARG B 41 -1.77 -21.69 -11.62
C ARG B 41 -1.16 -20.32 -11.32
N GLN B 42 -0.86 -19.57 -12.37
CA GLN B 42 -0.39 -18.19 -12.25
C GLN B 42 -1.31 -17.32 -11.44
N LEU B 43 -2.59 -17.33 -11.81
CA LEU B 43 -3.62 -16.59 -11.12
C LEU B 43 -3.68 -17.00 -9.67
N GLU B 44 -3.25 -18.23 -9.40
CA GLU B 44 -3.30 -18.75 -8.06
C GLU B 44 -2.19 -18.10 -7.23
N ASP B 45 -1.04 -17.92 -7.87
CA ASP B 45 0.08 -17.22 -7.26
C ASP B 45 -0.24 -15.75 -6.92
N LEU B 46 -1.30 -15.18 -7.50
CA LEU B 46 -1.68 -13.81 -7.13
C LEU B 46 -2.46 -13.79 -5.82
N VAL B 47 -3.04 -14.91 -5.43
CA VAL B 47 -3.72 -15.00 -4.15
C VAL B 47 -2.66 -15.28 -3.08
N ALA B 48 -2.11 -14.19 -2.55
CA ALA B 48 -0.81 -14.27 -1.89
C ALA B 48 -0.94 -14.20 -0.39
N THR B 49 -2.14 -13.89 0.11
CA THR B 49 -2.27 -13.60 1.52
C THR B 49 -3.35 -14.43 2.26
N ASP B 50 -3.04 -14.79 3.51
CA ASP B 50 -3.99 -15.51 4.33
C ASP B 50 -5.15 -14.62 4.77
N GLU B 51 -6.35 -15.00 4.36
CA GLU B 51 -7.52 -14.15 4.54
C GLU B 51 -7.91 -13.96 6.01
N LEU B 52 -7.81 -14.99 6.83
CA LEU B 52 -8.06 -14.83 8.28
C LEU B 52 -7.16 -13.81 8.99
N THR B 53 -5.84 -13.94 8.85
CA THR B 53 -4.91 -12.99 9.48
C THR B 53 -4.58 -11.74 8.67
N GLY B 54 -4.47 -11.85 7.36
CA GLY B 54 -4.07 -10.70 6.57
C GLY B 54 -2.57 -10.75 6.34
N LEU B 55 -1.96 -11.87 6.69
CA LEU B 55 -0.55 -12.05 6.43
C LEU B 55 -0.35 -12.77 5.12
N PHE B 56 0.87 -12.75 4.61
CA PHE B 56 1.20 -13.55 3.45
C PHE B 56 1.04 -15.02 3.76
N ASN B 57 0.53 -15.79 2.80
CA ASN B 57 0.40 -17.23 3.02
C ASN B 57 1.73 -17.97 2.81
N ARG B 58 1.69 -19.28 2.96
CA ARG B 58 2.93 -20.06 2.99
C ARG B 58 3.60 -20.10 1.64
N ARG B 59 2.80 -20.24 0.58
CA ARG B 59 3.34 -20.30 -0.80
C ARG B 59 3.98 -18.98 -1.21
N HIS B 60 3.28 -17.89 -0.98
CA HIS B 60 3.85 -16.60 -1.29
C HIS B 60 5.15 -16.34 -0.54
N PHE B 61 5.24 -16.82 0.69
CA PHE B 61 6.46 -16.69 1.45
C PHE B 61 7.59 -17.52 0.85
N ARG B 63 8.17 -18.20 -2.10
CA ARG B 63 8.65 -17.52 -3.28
C ARG B 63 9.41 -16.22 -2.97
N ALA B 65 11.11 -15.86 -0.41
CA ALA B 65 12.30 -16.22 0.37
C ALA B 65 13.40 -16.87 -0.47
N SER B 66 13.02 -17.46 -1.60
CA SER B 66 14.00 -17.89 -2.60
C SER B 66 14.68 -16.64 -3.15
N ARG B 67 13.92 -15.56 -3.17
CA ARG B 67 14.34 -14.38 -3.90
C ARG B 67 15.28 -13.55 -3.00
N ALA B 68 14.99 -13.48 -1.71
CA ALA B 68 15.92 -12.92 -0.74
C ALA B 68 17.24 -13.73 -0.66
N LEU B 69 17.12 -15.05 -0.55
CA LEU B 69 18.28 -15.96 -0.51
C LEU B 69 19.25 -15.73 -1.67
N GLU B 70 18.69 -15.48 -2.84
CA GLU B 70 19.47 -15.20 -4.05
C GLU B 70 20.12 -13.82 -3.97
N ASP B 71 19.34 -12.80 -3.62
CA ASP B 71 19.85 -11.41 -3.53
C ASP B 71 20.83 -11.20 -2.37
N LEU B 72 21.32 -12.30 -1.80
CA LEU B 72 22.19 -12.22 -0.64
C LEU B 72 23.68 -12.14 -1.02
N LEU B 73 24.33 -11.04 -0.64
CA LEU B 73 25.77 -10.87 -0.78
C LEU B 73 26.55 -11.90 0.05
N PRO B 74 27.71 -12.36 -0.45
CA PRO B 74 28.56 -13.28 0.31
C PRO B 74 29.02 -12.71 1.65
N ASN B 75 29.14 -13.59 2.64
CA ASN B 75 29.48 -13.24 4.01
C ASN B 75 28.41 -12.38 4.67
N ARG B 76 27.21 -12.38 4.10
CA ARG B 76 26.07 -11.64 4.65
C ARG B 76 24.88 -12.58 4.80
N GLN B 77 23.85 -12.17 5.54
CA GLN B 77 22.75 -13.09 5.83
C GLN B 77 21.43 -12.47 6.27
N HIS B 78 20.43 -13.35 6.40
CA HIS B 78 19.10 -12.99 6.82
C HIS B 78 18.66 -13.71 8.08
N GLY B 79 17.66 -13.14 8.74
CA GLY B 79 17.11 -13.74 9.92
C GLY B 79 15.92 -14.58 9.57
N LEU B 80 15.87 -15.77 10.15
CA LEU B 80 14.77 -16.69 9.98
C LEU B 80 14.26 -17.23 11.32
N ALA B 81 12.95 -17.19 11.53
CA ALA B 81 12.34 -17.74 12.75
C ALA B 81 11.06 -18.47 12.44
N LEU B 82 10.76 -19.54 13.19
CA LEU B 82 9.48 -20.23 13.09
C LEU B 82 8.70 -20.06 14.36
N ILE B 83 7.55 -19.42 14.28
CA ILE B 83 6.81 -19.09 15.46
C ILE B 83 5.60 -19.97 15.67
N ASP B 84 5.58 -20.77 16.72
CA ASP B 84 4.40 -21.55 17.03
C ASP B 84 3.70 -21.08 18.30
N LEU B 85 2.42 -20.75 18.20
CA LEU B 85 1.64 -20.37 19.38
C LEU B 85 1.50 -21.54 20.35
N ASP B 86 1.52 -21.26 21.65
CA ASP B 86 1.56 -22.35 22.63
C ASP B 86 0.19 -22.84 23.10
N HIS B 87 0.02 -24.17 23.18
CA HIS B 87 -1.23 -24.83 23.56
C HIS B 87 -2.45 -24.33 22.79
N PHE B 88 -2.26 -24.06 21.50
CA PHE B 88 -3.34 -23.56 20.68
C PHE B 88 -4.49 -24.55 20.63
N LYS B 89 -4.19 -25.84 20.43
CA LYS B 89 -5.23 -26.87 20.27
C LYS B 89 -6.12 -26.85 21.49
N ARG B 90 -5.50 -26.78 22.66
CA ARG B 90 -6.24 -26.72 23.88
C ARG B 90 -7.13 -25.47 23.95
N ILE B 91 -6.68 -24.35 23.37
CA ILE B 91 -7.50 -23.15 23.32
C ILE B 91 -8.79 -23.39 22.57
N ASN B 92 -8.71 -24.14 21.48
CA ASN B 92 -9.87 -24.38 20.64
C ASN B 92 -10.91 -25.18 21.37
N ASP B 93 -10.43 -26.16 22.13
CA ASP B 93 -11.28 -27.05 22.89
C ASP B 93 -11.98 -26.31 24.02
N ARG B 94 -11.23 -25.46 24.73
CA ARG B 94 -11.78 -24.75 25.88
C ARG B 94 -12.64 -23.55 25.51
N HIS B 95 -12.33 -22.86 24.42
CA HIS B 95 -13.06 -21.65 24.07
C HIS B 95 -13.77 -21.68 22.72
N GLY B 96 -13.54 -22.72 21.92
CA GLY B 96 -14.23 -22.83 20.64
C GLY B 96 -13.45 -22.31 19.44
N HIS B 97 -13.71 -22.92 18.28
CA HIS B 97 -12.93 -22.67 17.07
C HIS B 97 -12.77 -21.18 16.76
N ALA B 98 -13.86 -20.42 16.88
CA ALA B 98 -13.79 -18.99 16.59
C ALA B 98 -12.82 -18.27 17.52
N ALA B 99 -12.84 -18.62 18.80
CA ALA B 99 -11.93 -18.02 19.77
C ALA B 99 -10.47 -18.28 19.41
N GLY B 100 -10.16 -19.51 19.02
CA GLY B 100 -8.84 -19.82 18.50
C GLY B 100 -8.49 -18.88 17.36
N ASP B 101 -9.41 -18.78 16.39
CA ASP B 101 -9.24 -17.90 15.24
C ASP B 101 -8.96 -16.48 15.66
N ARG B 102 -9.60 -16.05 16.73
CA ARG B 102 -9.41 -14.70 17.21
C ARG B 102 -8.02 -14.52 17.80
N VAL B 103 -7.51 -15.57 18.41
CA VAL B 103 -6.17 -15.53 18.99
C VAL B 103 -5.12 -15.32 17.88
N LEU B 104 -5.31 -16.05 16.78
CA LEU B 104 -4.49 -15.87 15.57
C LEU B 104 -4.42 -14.42 15.09
N GLN B 105 -5.58 -13.76 15.03
CA GLN B 105 -5.67 -12.32 14.69
C GLN B 105 -4.80 -11.49 15.59
N THR B 106 -4.96 -11.73 16.88
CA THR B 106 -4.23 -11.00 17.91
C THR B 106 -2.75 -11.13 17.65
N PHE B 107 -2.29 -12.31 17.26
CA PHE B 107 -0.86 -12.45 17.08
C PHE B 107 -0.42 -11.59 15.92
N ALA B 108 -1.23 -11.54 14.86
CA ALA B 108 -0.89 -10.69 13.70
C ALA B 108 -0.85 -9.22 14.09
N ALA B 109 -1.91 -8.77 14.74
CA ALA B 109 -1.97 -7.39 15.22
C ALA B 109 -0.69 -7.06 15.98
N VAL B 110 -0.41 -7.89 16.99
CA VAL B 110 0.69 -7.66 17.89
C VAL B 110 2.02 -7.58 17.13
N ALA B 111 2.23 -8.56 16.26
CA ALA B 111 3.48 -8.65 15.55
C ALA B 111 3.65 -7.42 14.65
N ARG B 112 2.55 -6.99 14.04
CA ARG B 112 2.58 -5.83 13.16
C ARG B 112 3.15 -4.61 13.90
N SER B 113 2.70 -4.42 15.14
CA SER B 113 3.24 -3.40 16.03
C SER B 113 4.74 -3.57 16.27
N CYS B 114 5.19 -4.78 16.54
CA CYS B 114 6.58 -4.99 16.93
C CYS B 114 7.56 -4.95 15.78
N LEU B 115 7.08 -5.14 14.57
CA LEU B 115 8.00 -5.36 13.48
C LEU B 115 8.42 -4.05 12.82
N ARG B 116 9.72 -3.86 12.66
CA ARG B 116 10.24 -2.78 11.83
C ARG B 116 9.57 -2.88 10.47
N ASP B 117 9.37 -1.76 9.82
CA ASP B 117 8.80 -1.82 8.47
C ASP B 117 9.75 -2.59 7.55
N GLY B 118 9.19 -3.46 6.70
CA GLY B 118 10.04 -4.21 5.80
C GLY B 118 10.48 -5.56 6.34
N ASP B 119 9.81 -6.02 7.39
CA ASP B 119 10.04 -7.37 7.87
C ASP B 119 8.98 -8.27 7.27
N VAL B 120 9.39 -9.49 6.94
CA VAL B 120 8.48 -10.41 6.28
C VAL B 120 7.87 -11.40 7.24
N LEU B 121 6.56 -11.24 7.49
CA LEU B 121 5.85 -12.19 8.33
C LEU B 121 4.76 -12.97 7.56
N ALA B 122 4.90 -14.28 7.51
CA ALA B 122 3.92 -15.10 6.78
C ALA B 122 3.32 -16.16 7.67
N ARG B 123 2.06 -16.46 7.43
CA ARG B 123 1.47 -17.64 8.02
C ARG B 123 1.99 -18.90 7.32
N TYR B 124 2.43 -19.85 8.13
CA TYR B 124 3.25 -20.96 7.69
C TYR B 124 2.46 -22.23 7.83
N GLY B 125 1.50 -22.19 8.73
CA GLY B 125 0.64 -23.33 9.00
C GLY B 125 -0.56 -22.93 9.82
N GLY B 126 -1.20 -23.91 10.44
CA GLY B 126 -2.43 -23.71 11.18
C GLY B 126 -2.23 -22.83 12.39
N GLU B 127 -1.15 -23.05 13.13
CA GLU B 127 -0.87 -22.20 14.29
C GLU B 127 0.57 -21.68 14.28
N GLU B 128 1.26 -21.84 13.15
CA GLU B 128 2.68 -21.50 13.13
C GLU B 128 2.94 -20.38 12.13
N PHE B 129 3.89 -19.51 12.46
CA PHE B 129 4.28 -18.44 11.57
C PHE B 129 5.74 -18.57 11.22
N VAL B 130 6.24 -17.62 10.49
CA VAL B 130 7.59 -17.67 10.02
C VAL B 130 7.94 -16.22 9.77
N LEU B 131 9.15 -15.86 10.10
CA LEU B 131 9.55 -14.48 9.96
C LEU B 131 10.88 -14.46 9.29
N LEU B 132 10.99 -13.66 8.24
CA LEU B 132 12.31 -13.40 7.70
C LEU B 132 12.75 -12.02 8.18
N LEU B 133 13.99 -11.90 8.63
CA LEU B 133 14.55 -10.58 8.92
C LEU B 133 15.69 -10.26 7.96
N PRO B 134 15.51 -9.22 7.14
CA PRO B 134 16.48 -8.82 6.11
C PRO B 134 17.76 -8.25 6.69
N HIS B 135 18.89 -8.85 6.34
CA HIS B 135 20.20 -8.41 6.77
C HIS B 135 20.34 -8.38 8.29
N ALA B 136 19.63 -9.27 8.99
CA ALA B 136 19.61 -9.19 10.42
C ALA B 136 20.67 -10.07 11.06
N ASP B 137 21.15 -9.60 12.20
CA ASP B 137 22.17 -10.25 13.03
C ASP B 137 21.54 -11.34 13.88
N ALA B 138 22.34 -12.33 14.27
CA ALA B 138 21.92 -13.29 15.29
C ALA B 138 21.37 -12.53 16.47
N GLU B 139 22.16 -11.58 16.96
CA GLU B 139 21.73 -10.73 18.07
C GLU B 139 20.43 -9.95 17.74
N GLN B 140 20.33 -9.46 16.51
CA GLN B 140 19.13 -8.71 16.12
C GLN B 140 17.88 -9.59 16.06
N LEU B 141 18.06 -10.80 15.53
CA LEU B 141 16.96 -11.75 15.46
C LEU B 141 16.43 -12.06 16.85
N GLU B 142 17.34 -12.44 17.73
CA GLU B 142 16.98 -12.82 19.08
C GLU B 142 16.23 -11.70 19.80
N SER B 143 16.67 -10.47 19.62
CA SER B 143 16.00 -9.33 20.25
CA SER B 143 16.02 -9.31 20.23
C SER B 143 14.57 -9.16 19.76
N CYS B 144 14.36 -9.41 18.47
CA CYS B 144 13.04 -9.26 17.87
C CYS B 144 12.06 -10.31 18.37
N CYS B 145 12.52 -11.55 18.45
CA CYS B 145 11.67 -12.66 18.89
C CYS B 145 11.31 -12.53 20.36
N GLU B 146 12.24 -11.96 21.13
CA GLU B 146 11.95 -11.74 22.53
C GLU B 146 10.92 -10.63 22.64
N ARG B 147 11.09 -9.58 21.86
CA ARG B 147 10.16 -8.48 21.97
C ARG B 147 8.82 -8.98 21.55
N LEU B 148 8.82 -9.78 20.49
CA LEU B 148 7.62 -10.49 20.04
C LEU B 148 7.04 -11.50 21.04
N ARG B 149 7.90 -12.33 21.62
CA ARG B 149 7.44 -13.32 22.60
C ARG B 149 6.76 -12.62 23.78
N LEU B 150 7.37 -11.55 24.27
CA LEU B 150 6.78 -10.88 25.42
C LEU B 150 5.51 -10.17 25.02
N ALA B 151 5.56 -9.42 23.92
CA ALA B 151 4.43 -8.62 23.51
C ALA B 151 3.19 -9.48 23.39
N PHE B 152 3.36 -10.67 22.80
CA PHE B 152 2.22 -11.55 22.65
C PHE B 152 1.74 -12.05 24.01
N GLN B 153 2.68 -12.20 24.95
CA GLN B 153 2.36 -12.65 26.30
C GLN B 153 1.40 -11.67 26.99
N GLN B 154 1.63 -10.38 26.72
CA GLN B 154 0.95 -9.24 27.33
C GLN B 154 -0.40 -8.96 26.67
N ALA B 155 -0.63 -9.59 25.52
CA ALA B 155 -1.76 -9.23 24.66
C ALA B 155 -3.12 -9.69 25.19
N GLU B 156 -4.18 -9.06 24.67
CA GLU B 156 -5.55 -9.40 25.02
C GLU B 156 -6.39 -9.27 23.77
N PRO B 157 -6.76 -10.38 23.19
CA PRO B 157 -7.62 -10.40 22.03
C PRO B 157 -8.93 -10.01 22.58
N VAL B 158 -9.88 -9.59 21.78
CA VAL B 158 -11.13 -9.23 22.39
C VAL B 158 -12.23 -10.14 21.96
N GLY B 159 -12.94 -10.75 22.91
CA GLY B 159 -14.11 -11.48 22.58
C GLY B 159 -14.78 -12.56 23.41
N VAL B 160 -14.12 -13.69 23.61
CA VAL B 160 -12.69 -13.92 23.74
C VAL B 160 -11.93 -13.80 25.03
N THR B 161 -12.51 -13.79 26.21
CA THR B 161 -11.58 -13.51 27.25
C THR B 161 -10.81 -14.78 27.28
N VAL B 162 -9.50 -14.66 27.33
CA VAL B 162 -8.64 -15.81 27.33
C VAL B 162 -7.65 -15.76 28.45
N ASP B 163 -7.50 -16.86 29.17
CA ASP B 163 -6.71 -16.79 30.36
C ASP B 163 -5.24 -16.44 30.16
N THR B 164 -4.59 -16.99 29.17
CA THR B 164 -3.19 -16.66 29.02
C THR B 164 -2.70 -17.07 27.67
N LEU B 165 -1.75 -16.33 27.16
CA LEU B 165 -1.22 -16.63 25.84
C LEU B 165 0.30 -16.64 25.89
N SER B 166 0.88 -17.45 25.01
CA SER B 166 2.31 -17.47 24.82
C SER B 166 2.59 -18.21 23.53
N LEU B 167 3.84 -18.13 23.09
CA LEU B 167 4.28 -18.74 21.87
C LEU B 167 5.70 -19.21 22.10
N SER B 168 6.19 -20.09 21.23
CA SER B 168 7.60 -20.43 21.29
C SER B 168 8.20 -20.23 19.93
N VAL B 169 9.50 -19.94 19.93
CA VAL B 169 10.18 -19.49 18.73
C VAL B 169 11.43 -20.29 18.48
N GLY B 170 11.58 -20.80 17.26
CA GLY B 170 12.83 -21.42 16.87
C GLY B 170 13.52 -20.59 15.82
N THR B 172 17.10 -19.35 13.33
CA THR B 172 18.38 -19.57 12.71
C THR B 172 18.72 -18.42 11.79
N LEU B 173 19.88 -18.52 11.15
CA LEU B 173 20.30 -17.55 10.15
C LEU B 173 20.32 -18.12 8.75
N LEU B 174 19.79 -17.34 7.81
CA LEU B 174 19.82 -17.67 6.38
C LEU B 174 21.04 -17.07 5.69
N TYR B 175 22.04 -17.91 5.45
CA TYR B 175 23.28 -17.46 4.82
C TYR B 175 23.18 -17.59 3.31
N ALA B 176 24.15 -17.04 2.58
CA ALA B 176 24.25 -17.33 1.16
C ALA B 176 24.67 -18.79 0.99
N ASP B 177 24.47 -19.32 -0.20
CA ASP B 177 24.78 -20.73 -0.52
C ASP B 177 24.02 -21.72 0.35
N ASP B 178 22.96 -21.23 0.98
CA ASP B 178 22.16 -22.04 1.88
C ASP B 178 20.96 -22.64 1.16
N ASP B 179 20.51 -23.80 1.63
CA ASP B 179 19.27 -24.36 1.15
C ASP B 179 18.12 -23.88 2.03
N LEU B 180 17.11 -23.27 1.41
CA LEU B 180 16.04 -22.66 2.17
C LEU B 180 15.23 -23.69 2.95
N ASP B 181 15.04 -24.88 2.38
CA ASP B 181 14.37 -25.96 3.09
C ASP B 181 15.21 -26.46 4.27
N GLU B 182 16.53 -26.56 4.06
CA GLU B 182 17.45 -26.86 5.15
C GLU B 182 17.45 -25.80 6.24
N ALA B 183 17.42 -24.55 5.84
CA ALA B 183 17.31 -23.44 6.77
C ALA B 183 16.08 -23.63 7.64
N LEU B 184 14.97 -23.98 7.00
CA LEU B 184 13.73 -24.21 7.73
C LEU B 184 13.83 -25.41 8.68
N GLN B 185 14.64 -26.41 8.33
CA GLN B 185 14.82 -27.58 9.17
C GLN B 185 15.47 -27.18 10.49
N ARG B 186 16.57 -26.43 10.37
CA ARG B 186 17.21 -25.79 11.49
C ARG B 186 16.21 -25.06 12.41
N ALA B 187 15.38 -24.21 11.83
CA ALA B 187 14.39 -23.46 12.59
C ALA B 187 13.38 -24.39 13.25
N ASP B 188 12.92 -25.38 12.51
CA ASP B 188 11.97 -26.33 13.03
C ASP B 188 12.53 -27.04 14.26
N GLN B 189 13.77 -27.52 14.14
CA GLN B 189 14.38 -28.28 15.22
C GLN B 189 14.49 -27.41 16.46
N ALA B 190 14.92 -26.17 16.24
CA ALA B 190 15.07 -25.19 17.28
C ALA B 190 13.72 -24.91 17.95
N LEU B 191 12.67 -24.92 17.15
CA LEU B 191 11.33 -24.74 17.67
C LEU B 191 10.91 -25.92 18.54
N TYR B 192 11.47 -27.10 18.26
CA TYR B 192 11.09 -28.31 18.99
C TYR B 192 11.73 -28.26 20.38
N ARG B 193 13.01 -27.88 20.45
CA ARG B 193 13.71 -27.74 21.71
C ARG B 193 13.06 -26.72 22.62
N ALA B 194 12.45 -25.69 22.04
CA ALA B 194 11.81 -24.66 22.86
C ALA B 194 10.47 -25.16 23.41
N LYS B 195 9.79 -26.02 22.65
CA LYS B 195 8.55 -26.63 23.13
C LYS B 195 8.90 -27.60 24.26
N ARG B 196 9.93 -28.38 24.00
CA ARG B 196 10.43 -29.36 24.93
C ARG B 196 10.99 -28.71 26.20
N GLY B 197 11.60 -27.54 26.02
CA GLY B 197 12.27 -26.87 27.12
C GLY B 197 11.33 -26.14 28.06
N GLY B 198 10.04 -26.11 27.69
CA GLY B 198 9.01 -25.56 28.57
C GLY B 198 8.06 -24.55 27.96
N ARG B 199 8.29 -24.18 26.70
CA ARG B 199 7.48 -23.18 26.01
C ARG B 199 7.72 -21.75 26.54
N ASN B 200 6.98 -20.81 25.98
CA ASN B 200 7.23 -19.39 26.16
C ASN B 200 8.74 -19.05 26.13
N ARG B 201 9.46 -19.65 25.19
CA ARG B 201 10.88 -19.34 25.06
C ARG B 201 11.32 -19.29 23.59
N CYS B 202 12.61 -19.07 23.36
CA CYS B 202 13.17 -19.05 22.02
C CYS B 202 14.44 -19.87 21.98
N ASP B 203 14.42 -21.04 21.37
CA ASP B 203 15.69 -21.72 21.15
C ASP B 203 16.25 -21.30 19.79
N ALA B 204 17.45 -21.77 19.44
CA ALA B 204 18.10 -21.36 18.19
C ALA B 204 19.09 -22.43 17.69
N THR B 205 19.52 -22.33 16.43
CA THR B 205 20.46 -23.27 15.79
C THR B 205 21.43 -22.57 14.85
N TRP B 206 22.73 -22.69 15.15
CA TRP B 206 23.75 -21.78 14.61
C TRP B 206 23.24 -20.38 14.88
N GLU B 207 23.06 -20.08 16.18
CA GLU B 207 22.60 -18.77 16.66
C GLU B 207 21.15 -18.48 16.28
N ARG C 26 -21.55 -22.36 -33.22
CA ARG C 26 -22.44 -21.27 -32.84
C ARG C 26 -22.79 -21.21 -31.36
N TYR C 27 -23.64 -22.12 -30.88
CA TYR C 27 -23.88 -22.28 -29.46
C TYR C 27 -22.53 -22.32 -28.74
N ALA C 28 -21.58 -23.04 -29.35
CA ALA C 28 -20.21 -23.03 -28.88
C ALA C 28 -19.61 -21.61 -28.85
N LEU C 29 -19.83 -20.82 -29.90
CA LEU C 29 -19.32 -19.47 -29.93
C LEU C 29 -19.98 -18.61 -28.87
N GLN C 30 -21.29 -18.75 -28.75
CA GLN C 30 -22.00 -17.99 -27.75
C GLN C 30 -21.53 -18.34 -26.32
N ALA C 31 -21.42 -19.62 -26.00
CA ALA C 31 -20.89 -20.00 -24.69
C ALA C 31 -19.52 -19.39 -24.50
N HIS C 32 -18.72 -19.46 -25.54
CA HIS C 32 -17.36 -18.94 -25.48
C HIS C 32 -17.34 -17.44 -25.21
N GLN C 33 -18.13 -16.68 -25.96
CA GLN C 33 -18.13 -15.25 -25.79
C GLN C 33 -18.77 -14.83 -24.48
N ASP C 34 -19.69 -15.63 -23.98
CA ASP C 34 -20.24 -15.43 -22.63
C ASP C 34 -19.16 -15.60 -21.57
N THR C 35 -18.23 -16.51 -21.83
CA THR C 35 -17.10 -16.65 -20.96
C THR C 35 -16.32 -15.31 -20.93
N LEU C 36 -15.85 -14.84 -22.10
CA LEU C 36 -15.10 -13.57 -22.21
C LEU C 36 -15.78 -12.33 -21.59
N ARG C 37 -17.07 -12.17 -21.84
CA ARG C 37 -17.78 -11.10 -21.20
C ARG C 37 -17.65 -11.23 -19.67
N GLY C 38 -17.79 -12.44 -19.16
CA GLY C 38 -17.63 -12.67 -17.73
C GLY C 38 -16.27 -12.32 -17.13
N ARG C 41 -16.26 -8.66 -16.76
CA ARG C 41 -16.94 -8.31 -15.53
C ARG C 41 -15.98 -8.37 -14.33
N GLN C 42 -15.15 -9.41 -14.31
CA GLN C 42 -14.13 -9.57 -13.28
C GLN C 42 -13.17 -8.39 -13.28
N LEU C 43 -12.55 -8.14 -14.42
CA LEU C 43 -11.72 -6.97 -14.63
C LEU C 43 -12.41 -5.73 -14.14
N GLU C 44 -13.71 -5.65 -14.32
CA GLU C 44 -14.39 -4.45 -13.91
C GLU C 44 -14.49 -4.40 -12.38
N ASP C 45 -14.39 -5.55 -11.73
CA ASP C 45 -14.39 -5.54 -10.28
C ASP C 45 -13.03 -5.19 -9.67
N LEU C 46 -11.95 -5.41 -10.42
CA LEU C 46 -10.67 -4.94 -10.00
C LEU C 46 -10.61 -3.40 -10.09
N VAL C 47 -11.42 -2.78 -10.94
CA VAL C 47 -11.49 -1.31 -10.95
C VAL C 47 -12.34 -0.89 -9.75
N ALA C 48 -11.70 -0.71 -8.62
CA ALA C 48 -12.43 -0.71 -7.36
C ALA C 48 -12.57 0.68 -6.77
N THR C 49 -12.00 1.67 -7.46
CA THR C 49 -11.94 3.00 -6.88
C THR C 49 -12.27 4.10 -7.86
N ASP C 50 -12.94 5.13 -7.33
CA ASP C 50 -13.33 6.33 -8.07
C ASP C 50 -12.15 7.24 -8.12
N GLU C 51 -11.62 7.49 -9.32
CA GLU C 51 -10.43 8.32 -9.51
C GLU C 51 -10.54 9.75 -8.98
N LEU C 52 -11.64 10.43 -9.33
CA LEU C 52 -11.88 11.79 -8.85
C LEU C 52 -11.52 11.94 -7.37
N THR C 53 -12.21 11.19 -6.51
CA THR C 53 -12.03 11.33 -5.07
C THR C 53 -11.07 10.32 -4.45
N GLY C 54 -10.49 9.42 -5.25
CA GLY C 54 -9.57 8.43 -4.71
C GLY C 54 -10.11 7.55 -3.57
N LEU C 55 -11.44 7.55 -3.43
CA LEU C 55 -12.12 6.61 -2.56
C LEU C 55 -12.65 5.38 -3.32
N PHE C 56 -13.04 4.35 -2.57
CA PHE C 56 -13.62 3.15 -3.17
C PHE C 56 -14.96 3.46 -3.80
N ASN C 57 -15.34 2.73 -4.85
CA ASN C 57 -16.63 3.05 -5.47
C ASN C 57 -17.76 2.25 -4.86
N ARG C 58 -18.97 2.45 -5.38
CA ARG C 58 -20.16 1.94 -4.76
C ARG C 58 -20.10 0.42 -4.75
N ARG C 59 -19.78 -0.17 -5.89
CA ARG C 59 -19.85 -1.62 -6.03
C ARG C 59 -18.81 -2.30 -5.14
N HIS C 60 -17.61 -1.73 -5.06
CA HIS C 60 -16.59 -2.34 -4.22
C HIS C 60 -16.93 -2.24 -2.72
N PHE C 61 -17.70 -1.21 -2.38
CA PHE C 61 -18.17 -1.07 -1.01
C PHE C 61 -19.18 -2.14 -0.70
N ARG C 63 -19.48 -5.03 -2.02
CA ARG C 63 -18.78 -6.27 -1.87
C ARG C 63 -17.98 -6.27 -0.56
N ALA C 65 -18.57 -4.66 2.34
CA ALA C 65 -19.41 -4.64 3.53
C ALA C 65 -20.01 -6.01 3.84
N SER C 66 -20.40 -6.73 2.78
CA SER C 66 -20.85 -8.11 2.95
C SER C 66 -19.77 -8.89 3.69
N ARG C 67 -18.59 -8.95 3.09
CA ARG C 67 -17.40 -9.57 3.69
C ARG C 67 -17.22 -9.19 5.18
N ALA C 68 -17.51 -7.94 5.54
CA ALA C 68 -17.27 -7.46 6.90
C ALA C 68 -18.35 -7.93 7.87
N LEU C 69 -19.59 -7.94 7.39
CA LEU C 69 -20.74 -8.33 8.18
C LEU C 69 -20.67 -9.79 8.65
N GLU C 70 -20.18 -10.66 7.76
CA GLU C 70 -20.09 -12.09 8.07
C GLU C 70 -18.95 -12.38 9.06
N ASP C 71 -17.94 -11.50 9.09
CA ASP C 71 -16.80 -11.70 9.99
C ASP C 71 -17.14 -11.39 11.44
N LEU C 72 -18.18 -10.58 11.62
CA LEU C 72 -18.61 -10.12 12.93
C LEU C 72 -18.94 -11.26 13.89
N LEU C 73 -18.38 -11.20 15.10
CA LEU C 73 -18.78 -12.11 16.16
C LEU C 73 -20.21 -11.78 16.60
N PRO C 74 -20.92 -12.75 17.19
CA PRO C 74 -22.25 -12.41 17.71
C PRO C 74 -22.14 -11.40 18.84
N ASN C 75 -23.19 -10.60 19.03
CA ASN C 75 -23.20 -9.50 19.99
C ASN C 75 -22.13 -8.45 19.70
N ARG C 76 -21.64 -8.42 18.47
CA ARG C 76 -20.70 -7.38 18.05
C ARG C 76 -21.34 -6.48 17.00
N GLN C 77 -20.78 -5.29 16.85
CA GLN C 77 -21.35 -4.28 15.95
C GLN C 77 -20.30 -3.57 15.10
N HIS C 78 -20.77 -2.96 14.03
CA HIS C 78 -19.98 -2.06 13.19
C HIS C 78 -20.69 -0.75 13.04
N GLY C 79 -19.94 0.31 12.74
CA GLY C 79 -20.52 1.60 12.43
C GLY C 79 -20.84 1.74 10.95
N LEU C 80 -21.98 2.33 10.63
CA LEU C 80 -22.40 2.57 9.26
C LEU C 80 -23.13 3.91 9.10
N ALA C 81 -22.63 4.78 8.22
CA ALA C 81 -23.24 6.09 8.02
C ALA C 81 -23.32 6.51 6.56
N LEU C 82 -24.43 7.15 6.21
CA LEU C 82 -24.58 7.77 4.90
C LEU C 82 -24.35 9.27 4.96
N ILE C 83 -23.46 9.76 4.12
CA ILE C 83 -23.06 11.15 4.17
C ILE C 83 -23.44 11.89 2.90
N ASP C 84 -24.28 12.91 3.05
CA ASP C 84 -24.69 13.71 1.89
C ASP C 84 -24.30 15.18 2.04
N LEU C 85 -23.73 15.75 0.98
CA LEU C 85 -23.30 17.15 0.99
C LEU C 85 -24.49 18.07 0.74
N ASP C 86 -24.70 19.00 1.67
CA ASP C 86 -25.89 19.84 1.66
C ASP C 86 -25.83 20.88 0.56
N HIS C 87 -26.87 20.89 -0.27
CA HIS C 87 -26.96 21.79 -1.42
C HIS C 87 -25.78 21.66 -2.37
N PHE C 88 -25.39 20.43 -2.70
CA PHE C 88 -24.25 20.27 -3.60
C PHE C 88 -24.62 20.74 -5.00
N LYS C 89 -25.83 20.40 -5.43
CA LYS C 89 -26.28 20.72 -6.78
C LYS C 89 -26.28 22.23 -6.98
N ARG C 90 -26.52 22.96 -5.89
CA ARG C 90 -26.53 24.41 -5.86
C ARG C 90 -25.13 24.98 -6.16
N ILE C 91 -24.08 24.34 -5.66
CA ILE C 91 -22.70 24.79 -5.89
C ILE C 91 -22.31 24.69 -7.37
N ASN C 92 -22.85 23.67 -8.04
CA ASN C 92 -22.53 23.44 -9.45
C ASN C 92 -22.98 24.55 -10.37
N ASP C 93 -24.15 25.11 -10.09
CA ASP C 93 -24.72 26.15 -10.93
C ASP C 93 -23.91 27.46 -10.82
N ARG C 94 -23.76 27.96 -9.60
CA ARG C 94 -23.04 29.19 -9.38
C ARG C 94 -21.56 29.08 -9.76
N HIS C 95 -20.92 27.98 -9.37
CA HIS C 95 -19.48 27.87 -9.53
C HIS C 95 -19.04 26.94 -10.66
N GLY C 96 -19.99 26.44 -11.43
CA GLY C 96 -19.65 25.56 -12.53
C GLY C 96 -19.23 24.20 -12.00
N HIS C 97 -19.16 23.23 -12.89
CA HIS C 97 -18.93 21.83 -12.48
C HIS C 97 -17.53 21.56 -11.91
N ALA C 98 -16.49 22.14 -12.51
CA ALA C 98 -15.09 21.92 -12.08
C ALA C 98 -14.87 22.28 -10.63
N ALA C 99 -15.67 23.23 -10.15
CA ALA C 99 -15.64 23.65 -8.75
C ALA C 99 -16.24 22.58 -7.84
N GLY C 100 -17.41 22.07 -8.23
CA GLY C 100 -18.15 21.11 -7.43
C GLY C 100 -17.41 19.81 -7.25
N ASP C 101 -16.58 19.49 -8.24
CA ASP C 101 -15.74 18.33 -8.15
C ASP C 101 -14.60 18.59 -7.15
N ARG C 102 -14.10 19.82 -7.13
CA ARG C 102 -13.00 20.15 -6.21
C ARG C 102 -13.51 20.23 -4.80
N VAL C 103 -14.81 20.45 -4.66
CA VAL C 103 -15.48 20.28 -3.37
C VAL C 103 -15.46 18.80 -2.95
N LEU C 104 -15.86 17.94 -3.87
CA LEU C 104 -15.89 16.51 -3.58
C LEU C 104 -14.50 16.00 -3.18
N GLN C 105 -13.47 16.43 -3.91
CA GLN C 105 -12.11 16.05 -3.56
C GLN C 105 -11.73 16.61 -2.22
N THR C 106 -12.33 17.75 -1.87
CA THR C 106 -12.03 18.36 -0.59
C THR C 106 -12.64 17.52 0.54
N PHE C 107 -13.84 16.98 0.31
CA PHE C 107 -14.43 16.12 1.31
C PHE C 107 -13.59 14.85 1.50
N ALA C 108 -13.15 14.26 0.41
CA ALA C 108 -12.30 13.06 0.48
C ALA C 108 -11.06 13.35 1.31
N ALA C 109 -10.44 14.50 1.06
CA ALA C 109 -9.22 14.88 1.76
C ALA C 109 -9.53 15.03 3.24
N VAL C 110 -10.53 15.85 3.54
CA VAL C 110 -10.92 16.13 4.93
C VAL C 110 -11.34 14.85 5.65
N ALA C 111 -11.94 13.92 4.92
CA ALA C 111 -12.40 12.70 5.53
C ALA C 111 -11.20 11.81 5.82
N ARG C 112 -10.33 11.64 4.82
CA ARG C 112 -9.07 10.90 4.99
C ARG C 112 -8.31 11.35 6.24
N SER C 113 -8.37 12.65 6.52
CA SER C 113 -7.64 13.19 7.64
C SER C 113 -8.35 12.92 8.97
N CYS C 114 -9.67 12.97 8.98
CA CYS C 114 -10.46 12.73 10.18
C CYS C 114 -10.46 11.26 10.60
N LEU C 115 -10.39 10.38 9.62
CA LEU C 115 -10.61 8.95 9.84
C LEU C 115 -9.33 8.23 10.29
N ARG C 116 -9.50 7.20 11.11
CA ARG C 116 -8.38 6.39 11.62
C ARG C 116 -8.01 5.34 10.58
N ASP C 117 -6.90 4.62 10.76
CA ASP C 117 -6.53 3.57 9.81
C ASP C 117 -7.48 2.39 9.96
N GLY C 118 -7.82 1.77 8.83
CA GLY C 118 -8.62 0.57 8.85
C GLY C 118 -10.10 0.85 8.71
N ASP C 119 -10.46 2.13 8.79
CA ASP C 119 -11.84 2.57 8.59
C ASP C 119 -12.19 2.63 7.11
N VAL C 120 -13.44 2.33 6.77
CA VAL C 120 -13.78 2.24 5.37
C VAL C 120 -14.66 3.38 4.89
N LEU C 121 -14.11 4.18 4.00
CA LEU C 121 -14.85 5.24 3.35
C LEU C 121 -14.96 4.98 1.85
N ALA C 122 -16.11 5.26 1.28
CA ALA C 122 -16.30 5.03 -0.13
C ALA C 122 -17.27 6.04 -0.69
N ARG C 123 -17.25 6.17 -2.02
CA ARG C 123 -18.13 7.10 -2.72
C ARG C 123 -19.39 6.38 -3.15
N TYR C 124 -20.50 6.80 -2.57
CA TYR C 124 -21.74 6.05 -2.62
C TYR C 124 -22.64 6.54 -3.74
N GLY C 125 -22.45 7.79 -4.16
CA GLY C 125 -23.22 8.36 -5.26
C GLY C 125 -22.57 9.64 -5.76
N GLY C 126 -23.20 10.32 -6.71
CA GLY C 126 -22.64 11.54 -7.28
C GLY C 126 -22.45 12.60 -6.21
N GLU C 127 -23.32 12.57 -5.21
CA GLU C 127 -23.35 13.58 -4.16
C GLU C 127 -23.07 12.96 -2.78
N GLU C 128 -23.02 11.63 -2.70
CA GLU C 128 -22.99 10.93 -1.40
C GLU C 128 -21.81 9.99 -1.15
N PHE C 129 -21.50 9.79 0.12
CA PHE C 129 -20.46 8.87 0.55
C PHE C 129 -21.01 7.94 1.62
N VAL C 130 -20.26 6.91 1.96
CA VAL C 130 -20.74 5.96 2.94
C VAL C 130 -19.55 5.52 3.78
N LEU C 131 -19.82 5.21 5.04
CA LEU C 131 -18.76 4.87 5.98
C LEU C 131 -18.98 3.53 6.69
N LEU C 132 -17.88 2.84 7.02
CA LEU C 132 -17.94 1.71 7.91
C LEU C 132 -16.76 1.71 8.90
N LEU C 133 -17.05 1.57 10.20
CA LEU C 133 -16.02 1.59 11.24
C LEU C 133 -15.95 0.28 12.01
N PRO C 134 -14.84 -0.47 11.85
CA PRO C 134 -14.66 -1.77 12.49
C PRO C 134 -14.87 -1.73 13.99
N HIS C 135 -15.82 -2.54 14.47
CA HIS C 135 -16.04 -2.77 15.88
C HIS C 135 -16.39 -1.47 16.63
N ALA C 136 -17.25 -0.65 16.03
CA ALA C 136 -17.52 0.69 16.57
C ALA C 136 -18.81 0.78 17.38
N ASP C 137 -18.71 1.42 18.54
CA ASP C 137 -19.84 1.70 19.42
C ASP C 137 -20.71 2.82 18.86
N ALA C 138 -21.97 2.86 19.29
CA ALA C 138 -22.92 3.87 18.83
C ALA C 138 -22.51 5.27 19.29
N GLU C 139 -21.66 5.34 20.30
CA GLU C 139 -21.09 6.60 20.72
C GLU C 139 -19.86 6.92 19.89
N GLN C 140 -19.01 5.93 19.64
CA GLN C 140 -17.88 6.09 18.70
C GLN C 140 -18.38 6.57 17.35
N LEU C 141 -19.36 5.82 16.85
CA LEU C 141 -20.17 6.22 15.70
C LEU C 141 -20.51 7.70 15.77
N GLU C 142 -21.35 8.05 16.74
CA GLU C 142 -21.81 9.41 16.97
C GLU C 142 -20.67 10.44 16.97
N SER C 143 -19.55 10.07 17.60
CA SER C 143 -18.41 10.96 17.74
CA SER C 143 -18.41 10.96 17.73
C SER C 143 -17.77 11.29 16.38
N CYS C 144 -17.40 10.25 15.63
CA CYS C 144 -16.74 10.41 14.34
C CYS C 144 -17.50 11.33 13.37
N CYS C 145 -18.80 11.12 13.28
CA CYS C 145 -19.65 11.87 12.36
C CYS C 145 -19.68 13.38 12.67
N GLU C 146 -19.59 13.73 13.94
CA GLU C 146 -19.53 15.13 14.31
C GLU C 146 -18.19 15.71 13.87
N ARG C 147 -17.12 14.97 14.15
CA ARG C 147 -15.76 15.38 13.83
C ARG C 147 -15.65 15.65 12.34
N LEU C 148 -16.08 14.67 11.55
CA LEU C 148 -16.16 14.80 10.10
C LEU C 148 -16.97 16.03 9.70
N ARG C 149 -18.24 16.05 10.08
CA ARG C 149 -19.16 17.13 9.74
C ARG C 149 -18.61 18.52 10.04
N LEU C 150 -18.13 18.71 11.27
CA LEU C 150 -17.55 20.01 11.65
C LEU C 150 -16.32 20.34 10.82
N ALA C 151 -15.52 19.33 10.49
CA ALA C 151 -14.28 19.54 9.74
C ALA C 151 -14.56 19.98 8.30
N PHE C 152 -15.78 19.71 7.84
CA PHE C 152 -16.18 20.11 6.51
C PHE C 152 -16.72 21.54 6.51
N GLN C 153 -17.14 21.99 7.69
CA GLN C 153 -17.56 23.36 7.90
C GLN C 153 -16.37 24.30 7.77
N GLN C 154 -15.29 23.98 8.46
CA GLN C 154 -14.07 24.77 8.42
C GLN C 154 -13.23 24.45 7.18
N ALA C 155 -13.77 23.60 6.31
CA ALA C 155 -13.03 23.13 5.15
C ALA C 155 -12.79 24.27 4.17
N GLU C 156 -11.61 24.25 3.57
CA GLU C 156 -11.22 25.30 2.65
C GLU C 156 -10.77 24.64 1.35
N PRO C 157 -11.71 24.50 0.41
CA PRO C 157 -11.33 23.94 -0.89
C PRO C 157 -10.52 24.94 -1.68
N VAL C 158 -9.28 24.59 -1.98
CA VAL C 158 -8.34 25.54 -2.57
C VAL C 158 -8.70 25.83 -4.03
N GLY C 159 -8.56 27.08 -4.43
CA GLY C 159 -8.86 27.46 -5.79
C GLY C 159 -10.35 27.55 -6.07
N VAL C 160 -11.15 27.50 -5.01
CA VAL C 160 -12.59 27.71 -5.13
C VAL C 160 -13.17 28.50 -3.96
N THR C 161 -13.79 29.62 -4.30
CA THR C 161 -14.32 30.55 -3.33
C THR C 161 -15.76 30.22 -2.99
N VAL C 162 -15.94 29.31 -2.05
CA VAL C 162 -17.28 28.84 -1.71
C VAL C 162 -17.81 29.46 -0.44
N ASP C 163 -19.05 29.94 -0.54
CA ASP C 163 -19.74 30.61 0.54
C ASP C 163 -19.93 29.68 1.77
N THR C 164 -20.68 28.59 1.60
CA THR C 164 -21.00 27.66 2.70
C THR C 164 -20.56 26.22 2.44
N LEU C 165 -20.23 25.50 3.53
CA LEU C 165 -19.84 24.09 3.47
C LEU C 165 -20.44 23.28 4.61
N SER C 166 -21.43 22.45 4.29
CA SER C 166 -22.01 21.58 5.30
C SER C 166 -22.49 20.25 4.73
N LEU C 167 -22.45 19.22 5.57
CA LEU C 167 -22.95 17.90 5.23
C LEU C 167 -23.89 17.43 6.32
N SER C 168 -24.77 16.50 6.00
CA SER C 168 -25.64 15.91 7.01
C SER C 168 -25.37 14.41 7.05
N VAL C 169 -25.64 13.79 8.19
CA VAL C 169 -25.32 12.38 8.35
C VAL C 169 -26.53 11.57 8.77
N GLY C 170 -26.67 10.37 8.21
CA GLY C 170 -27.58 9.38 8.71
C GLY C 170 -26.82 8.18 9.22
N THR C 172 -26.54 4.44 11.74
CA THR C 172 -27.16 3.27 12.35
C THR C 172 -26.03 2.33 12.71
N LEU C 173 -26.33 1.06 13.01
CA LEU C 173 -25.27 0.11 13.31
C LEU C 173 -25.36 -1.15 12.48
N LEU C 174 -24.32 -1.98 12.58
CA LEU C 174 -24.25 -3.22 11.83
C LEU C 174 -24.11 -4.41 12.76
N TYR C 175 -25.24 -5.03 13.10
CA TYR C 175 -25.25 -6.20 13.98
C TYR C 175 -25.00 -7.47 13.19
N ALA C 176 -24.74 -8.57 13.88
CA ALA C 176 -24.59 -9.85 13.22
C ALA C 176 -25.92 -10.26 12.59
N ASP C 177 -25.84 -10.99 11.47
CA ASP C 177 -27.02 -11.46 10.74
C ASP C 177 -27.90 -10.30 10.25
N ASP C 178 -27.28 -9.15 10.01
CA ASP C 178 -27.95 -7.99 9.45
C ASP C 178 -28.15 -8.16 7.94
N ASP C 179 -29.17 -7.52 7.39
CA ASP C 179 -29.29 -7.51 5.93
C ASP C 179 -28.91 -6.14 5.40
N LEU C 180 -27.97 -6.12 4.47
CA LEU C 180 -27.32 -4.89 4.04
C LEU C 180 -28.27 -3.87 3.43
N ASP C 181 -29.13 -4.33 2.51
CA ASP C 181 -30.10 -3.47 1.87
C ASP C 181 -31.04 -2.83 2.89
N GLU C 182 -31.31 -3.59 3.95
CA GLU C 182 -32.10 -3.11 5.07
C GLU C 182 -31.28 -2.17 5.95
N ALA C 183 -30.03 -2.56 6.23
CA ALA C 183 -29.12 -1.75 7.04
C ALA C 183 -28.89 -0.37 6.42
N LEU C 184 -28.83 -0.34 5.10
CA LEU C 184 -28.64 0.92 4.36
C LEU C 184 -29.93 1.74 4.29
N GLN C 185 -31.07 1.09 4.49
CA GLN C 185 -32.32 1.81 4.41
C GLN C 185 -32.51 2.68 5.65
N ARG C 186 -32.06 2.17 6.79
CA ARG C 186 -32.30 2.86 8.05
C ARG C 186 -31.34 4.02 8.30
N ALA C 187 -30.11 3.91 7.82
CA ALA C 187 -29.16 5.03 7.91
C ALA C 187 -29.59 6.16 6.98
N ASP C 188 -30.20 5.79 5.86
CA ASP C 188 -30.73 6.76 4.90
C ASP C 188 -31.91 7.49 5.52
N GLN C 189 -32.77 6.73 6.19
CA GLN C 189 -33.89 7.29 6.93
C GLN C 189 -33.39 8.34 7.89
N ALA C 190 -32.44 7.94 8.73
CA ALA C 190 -31.77 8.86 9.63
C ALA C 190 -31.20 10.05 8.86
N LEU C 191 -30.66 9.80 7.66
CA LEU C 191 -30.09 10.88 6.85
C LEU C 191 -31.15 11.82 6.28
N TYR C 192 -32.21 11.26 5.71
CA TYR C 192 -33.29 12.07 5.17
C TYR C 192 -33.92 12.93 6.28
N ARG C 193 -34.03 12.35 7.47
CA ARG C 193 -34.56 13.07 8.64
C ARG C 193 -33.58 14.19 9.04
N ALA C 194 -32.29 13.96 8.80
CA ALA C 194 -31.26 14.96 9.10
C ALA C 194 -31.24 16.06 8.03
N LYS C 195 -31.75 15.72 6.85
CA LYS C 195 -31.84 16.67 5.73
C LYS C 195 -33.01 17.62 5.92
N ARG C 196 -34.07 17.14 6.57
CA ARG C 196 -35.24 17.94 6.90
C ARG C 196 -35.03 18.68 8.22
N GLY C 197 -34.12 18.18 9.05
CA GLY C 197 -33.84 18.78 10.33
C GLY C 197 -33.04 20.07 10.21
N GLY C 198 -32.81 20.51 8.98
CA GLY C 198 -32.14 21.77 8.72
C GLY C 198 -30.80 21.67 8.01
N ARG C 199 -30.36 20.44 7.70
CA ARG C 199 -29.03 20.14 7.16
C ARG C 199 -27.93 20.52 8.16
N ASN C 200 -26.71 20.06 7.92
CA ASN C 200 -25.66 20.10 8.94
C ASN C 200 -26.20 19.44 10.21
N ARG C 201 -26.82 18.28 10.02
CA ARG C 201 -27.40 17.51 11.12
C ARG C 201 -26.87 16.09 11.14
N CYS C 202 -26.49 15.64 12.33
CA CYS C 202 -26.15 14.25 12.52
C CYS C 202 -27.29 13.53 13.25
N ASP C 203 -28.00 12.68 12.51
CA ASP C 203 -29.14 11.92 13.05
C ASP C 203 -28.86 10.41 13.02
N ALA C 204 -29.45 9.68 13.96
CA ALA C 204 -29.22 8.24 14.07
C ALA C 204 -30.49 7.42 13.94
N THR C 205 -30.31 6.12 13.73
CA THR C 205 -31.40 5.16 13.71
C THR C 205 -31.03 3.97 14.60
N TRP C 206 -31.93 3.62 15.52
CA TRP C 206 -31.67 2.58 16.51
C TRP C 206 -30.31 2.86 17.15
N GLU C 207 -30.17 4.04 17.76
CA GLU C 207 -28.88 4.59 18.22
C GLU C 207 -27.97 4.87 17.01
#